data_2EL7
#
_entry.id   2EL7
#
_cell.length_a   47.318
_cell.length_b   72.488
_cell.length_c   229.720
_cell.angle_alpha   90.00
_cell.angle_beta   90.00
_cell.angle_gamma   90.00
#
_symmetry.space_group_name_H-M   'P 21 21 21'
#
loop_
_entity.id
_entity.type
_entity.pdbx_description
1 polymer 'Tryptophanyl-tRNA synthetase'
2 non-polymer 'PHOSPHATE ION'
3 water water
#
_entity_poly.entity_id   1
_entity_poly.type   'polypeptide(L)'
_entity_poly.pdbx_seq_one_letter_code
;MKRVLSGIQPSGEIHIGNYLGAIKQWVAIGEKLGRDAFFCIVDYHALTNPLAYDPSTLAQRTFEAALVNIAAGLDPEKVT
LFVQSHVPEHTELSWVFTTLTPLGDLTRMTQFKDKASKQETVWSGLLMYPVLQAADILIYKADTVPVGEDQVQHIELTRE
IARRFNHLFGETFPEPQALLNPEAPRVPGIDGKAKMSKSLGNTIGLLEPEESIWQKIQHLPDDPQRIRLSDPGDPERTIL
FTYLSYFAPKDLVEALKEEYRKAGVGTYVVKRILFDHLMEALRPIRERAEALKKDPDYVMDALLEGAKRARAVAQATMEE
VREKVGLLLPRKRPVLR
;
_entity_poly.pdbx_strand_id   A,B
#
loop_
_chem_comp.id
_chem_comp.type
_chem_comp.name
_chem_comp.formula
PO4 non-polymer 'PHOSPHATE ION' 'O4 P -3'
#
# COMPACT_ATOMS: atom_id res chain seq x y z
N MET A 1 22.04 -7.35 -17.90
CA MET A 1 21.84 -7.69 -16.45
C MET A 1 22.76 -6.90 -15.53
N LYS A 2 22.22 -5.89 -14.86
CA LYS A 2 23.02 -5.08 -13.91
C LYS A 2 22.60 -5.34 -12.46
N ARG A 3 21.29 -5.36 -12.21
CA ARG A 3 20.82 -5.60 -10.86
C ARG A 3 19.67 -6.57 -10.91
N VAL A 4 19.78 -7.61 -10.10
CA VAL A 4 18.76 -8.63 -10.06
C VAL A 4 18.00 -8.65 -8.74
N LEU A 5 16.70 -8.89 -8.80
CA LEU A 5 15.91 -9.00 -7.59
C LEU A 5 15.31 -10.38 -7.59
N SER A 6 15.66 -11.18 -6.58
CA SER A 6 15.12 -12.54 -6.49
C SER A 6 14.29 -12.71 -5.22
N GLY A 7 13.07 -13.20 -5.38
CA GLY A 7 12.18 -13.39 -4.25
C GLY A 7 12.29 -14.73 -3.59
N ILE A 8 12.46 -14.71 -2.26
CA ILE A 8 12.59 -15.90 -1.43
C ILE A 8 11.35 -16.05 -0.54
N GLN A 9 10.69 -17.20 -0.62
CA GLN A 9 9.51 -17.39 0.22
C GLN A 9 9.91 -17.48 1.70
N PRO A 10 9.08 -16.91 2.60
CA PRO A 10 9.36 -16.93 4.04
C PRO A 10 9.15 -18.34 4.65
N SER A 11 10.12 -19.22 4.45
CA SER A 11 10.03 -20.60 4.96
C SER A 11 11.39 -21.27 5.08
N GLY A 12 11.57 -22.08 6.12
CA GLY A 12 12.83 -22.77 6.28
C GLY A 12 12.86 -24.17 5.67
N GLU A 13 11.88 -24.51 4.82
CA GLU A 13 11.84 -25.85 4.21
C GLU A 13 12.34 -25.86 2.76
N ILE A 14 13.64 -26.03 2.57
CA ILE A 14 14.21 -26.06 1.24
C ILE A 14 14.44 -27.53 0.88
N HIS A 15 13.93 -27.97 -0.28
CA HIS A 15 14.13 -29.36 -0.70
C HIS A 15 15.10 -29.44 -1.88
N ILE A 16 15.51 -30.64 -2.26
CA ILE A 16 16.48 -30.78 -3.33
C ILE A 16 15.96 -30.28 -4.66
N GLY A 17 14.65 -30.04 -4.70
CA GLY A 17 14.03 -29.53 -5.89
C GLY A 17 14.39 -28.07 -6.00
N ASN A 18 14.25 -27.34 -4.89
CA ASN A 18 14.60 -25.92 -4.84
C ASN A 18 16.11 -25.81 -5.09
N TYR A 19 16.85 -26.65 -4.39
CA TYR A 19 18.30 -26.62 -4.48
C TYR A 19 18.86 -26.82 -5.87
N LEU A 20 18.58 -27.97 -6.48
CA LEU A 20 19.06 -28.29 -7.81
C LEU A 20 18.64 -27.30 -8.91
N GLY A 21 17.60 -26.52 -8.66
CA GLY A 21 17.14 -25.59 -9.67
C GLY A 21 17.41 -24.11 -9.45
N ALA A 22 16.53 -23.45 -8.69
CA ALA A 22 16.63 -22.03 -8.45
C ALA A 22 17.83 -21.56 -7.64
N ILE A 23 18.16 -22.30 -6.59
CA ILE A 23 19.26 -21.93 -5.73
C ILE A 23 20.58 -21.96 -6.47
N LYS A 24 20.80 -23.02 -7.25
CA LYS A 24 22.02 -23.13 -8.02
C LYS A 24 22.14 -21.90 -8.91
N GLN A 25 21.01 -21.38 -9.39
CA GLN A 25 21.05 -20.21 -10.27
C GLN A 25 21.30 -18.94 -9.48
N TRP A 26 20.66 -18.84 -8.32
CA TRP A 26 20.82 -17.67 -7.47
C TRP A 26 22.29 -17.51 -7.12
N VAL A 27 22.93 -18.64 -6.82
CA VAL A 27 24.35 -18.67 -6.48
C VAL A 27 25.17 -18.13 -7.66
N ALA A 28 24.82 -18.55 -8.88
CA ALA A 28 25.54 -18.09 -10.07
C ALA A 28 25.38 -16.58 -10.23
N ILE A 29 24.16 -16.07 -9.99
CA ILE A 29 23.91 -14.64 -10.12
C ILE A 29 24.72 -13.84 -9.11
N GLY A 30 24.89 -14.40 -7.92
CA GLY A 30 25.69 -13.72 -6.91
C GLY A 30 27.17 -13.65 -7.30
N GLU A 31 27.70 -14.70 -7.93
CA GLU A 31 29.10 -14.67 -8.33
C GLU A 31 29.31 -13.59 -9.39
N LYS A 32 28.29 -13.41 -10.23
CA LYS A 32 28.38 -12.45 -11.30
C LYS A 32 28.04 -11.00 -10.93
N LEU A 33 27.04 -10.81 -10.08
CA LEU A 33 26.65 -9.46 -9.74
C LEU A 33 27.12 -8.95 -8.39
N GLY A 34 27.53 -9.86 -7.53
CA GLY A 34 28.01 -9.43 -6.24
C GLY A 34 26.94 -8.76 -5.40
N ARG A 35 27.17 -7.50 -5.03
CA ARG A 35 26.23 -6.75 -4.19
C ARG A 35 24.96 -6.34 -4.93
N ASP A 36 25.01 -6.30 -6.24
CA ASP A 36 23.84 -5.96 -7.02
C ASP A 36 22.97 -7.17 -7.30
N ALA A 37 23.20 -8.22 -6.53
CA ALA A 37 22.36 -9.40 -6.63
C ALA A 37 21.49 -9.30 -5.39
N PHE A 38 20.37 -8.58 -5.48
CA PHE A 38 19.45 -8.44 -4.33
C PHE A 38 18.58 -9.67 -4.10
N PHE A 39 18.54 -10.12 -2.86
CA PHE A 39 17.71 -11.28 -2.52
C PHE A 39 16.77 -10.84 -1.43
N CYS A 40 15.48 -10.89 -1.74
CA CYS A 40 14.41 -10.42 -0.84
C CYS A 40 13.49 -11.51 -0.30
N ILE A 41 13.50 -11.69 1.03
CA ILE A 41 12.65 -12.66 1.69
C ILE A 41 11.29 -11.96 1.77
N VAL A 42 10.33 -12.40 0.96
CA VAL A 42 9.03 -11.73 0.92
C VAL A 42 8.01 -12.09 2.02
N ASP A 43 8.29 -11.67 3.24
CA ASP A 43 7.43 -11.97 4.37
C ASP A 43 6.02 -11.40 4.21
N TYR A 44 5.88 -10.27 3.53
CA TYR A 44 4.56 -9.69 3.29
C TYR A 44 3.66 -10.58 2.46
N HIS A 45 4.24 -11.54 1.74
CA HIS A 45 3.47 -12.48 0.91
C HIS A 45 2.69 -13.46 1.80
N ALA A 46 3.19 -13.69 3.01
CA ALA A 46 2.51 -14.61 3.92
C ALA A 46 1.16 -14.04 4.36
N LEU A 47 1.04 -12.71 4.51
CA LEU A 47 -0.23 -12.10 4.92
C LEU A 47 -1.41 -12.23 3.95
N THR A 48 -1.15 -12.65 2.70
CA THR A 48 -2.22 -12.80 1.70
C THR A 48 -3.23 -13.91 2.02
N ASN A 49 -2.92 -14.73 3.01
CA ASN A 49 -3.86 -15.77 3.45
C ASN A 49 -3.98 -15.56 4.98
N PRO A 50 -4.67 -14.47 5.36
CA PRO A 50 -4.91 -14.04 6.73
C PRO A 50 -5.41 -15.02 7.77
N LEU A 51 -6.33 -15.92 7.42
CA LEU A 51 -6.83 -16.86 8.42
C LEU A 51 -6.01 -18.11 8.53
N ALA A 52 -5.17 -18.35 7.52
CA ALA A 52 -4.33 -19.55 7.45
C ALA A 52 -2.87 -19.42 7.93
N TYR A 53 -2.17 -18.36 7.54
CA TYR A 53 -0.78 -18.19 7.99
C TYR A 53 -0.80 -17.94 9.52
N ASP A 54 0.23 -18.41 10.22
CA ASP A 54 0.25 -18.24 11.67
C ASP A 54 1.19 -17.11 12.08
N PRO A 55 0.63 -15.97 12.50
CA PRO A 55 1.47 -14.85 12.88
C PRO A 55 2.44 -15.10 14.02
N SER A 56 2.10 -15.99 14.93
CA SER A 56 3.00 -16.27 16.05
C SER A 56 4.18 -17.08 15.54
N THR A 57 4.12 -17.47 14.28
CA THR A 57 5.15 -18.29 13.71
C THR A 57 5.95 -17.68 12.53
N LEU A 58 5.51 -16.52 12.01
CA LEU A 58 6.18 -15.91 10.84
C LEU A 58 7.57 -15.32 11.04
N ALA A 59 7.81 -14.68 12.17
CA ALA A 59 9.13 -14.12 12.44
C ALA A 59 10.19 -15.23 12.38
N GLN A 60 9.92 -16.33 13.08
CA GLN A 60 10.84 -17.46 13.08
C GLN A 60 11.01 -18.05 11.67
N ARG A 61 9.90 -18.20 10.93
CA ARG A 61 9.99 -18.76 9.58
C ARG A 61 10.79 -17.83 8.66
N THR A 62 10.72 -16.54 8.91
CA THR A 62 11.44 -15.60 8.07
C THR A 62 12.92 -15.69 8.35
N PHE A 63 13.25 -15.86 9.62
CA PHE A 63 14.64 -15.95 10.04
C PHE A 63 15.27 -17.26 9.54
N GLU A 64 14.49 -18.34 9.56
CA GLU A 64 14.97 -19.65 9.10
C GLU A 64 15.16 -19.60 7.59
N ALA A 65 14.31 -18.87 6.88
CA ALA A 65 14.40 -18.71 5.44
C ALA A 65 15.79 -18.16 5.11
N ALA A 66 16.21 -17.17 5.87
CA ALA A 66 17.53 -16.59 5.65
C ALA A 66 18.61 -17.60 5.99
N LEU A 67 18.47 -18.23 7.15
CA LEU A 67 19.47 -19.19 7.57
C LEU A 67 19.66 -20.31 6.57
N VAL A 68 18.58 -20.96 6.19
CA VAL A 68 18.72 -22.08 5.27
C VAL A 68 19.23 -21.70 3.88
N ASN A 69 18.78 -20.57 3.35
CA ASN A 69 19.25 -20.16 2.04
C ASN A 69 20.71 -19.76 2.10
N ILE A 70 21.15 -19.20 3.22
CA ILE A 70 22.55 -18.87 3.36
C ILE A 70 23.29 -20.22 3.46
N ALA A 71 22.72 -21.19 4.19
CA ALA A 71 23.38 -22.50 4.30
C ALA A 71 23.50 -23.16 2.94
N ALA A 72 22.44 -23.03 2.12
CA ALA A 72 22.40 -23.61 0.78
C ALA A 72 23.38 -22.93 -0.19
N GLY A 73 23.87 -21.73 0.15
CA GLY A 73 24.83 -21.06 -0.72
C GLY A 73 24.75 -19.56 -0.93
N LEU A 74 23.66 -18.90 -0.55
CA LEU A 74 23.56 -17.45 -0.71
C LEU A 74 24.55 -16.86 0.27
N ASP A 75 25.57 -16.18 -0.23
CA ASP A 75 26.65 -15.65 0.61
C ASP A 75 26.60 -14.15 0.93
N PRO A 76 26.27 -13.81 2.18
CA PRO A 76 26.16 -12.42 2.65
C PRO A 76 27.44 -11.62 2.55
N GLU A 77 28.57 -12.27 2.28
CA GLU A 77 29.83 -11.56 2.12
C GLU A 77 29.96 -11.07 0.68
N LYS A 78 29.11 -11.61 -0.20
CA LYS A 78 29.10 -11.27 -1.60
C LYS A 78 27.81 -10.59 -2.07
N VAL A 79 26.64 -11.07 -1.61
CA VAL A 79 25.38 -10.49 -2.07
C VAL A 79 24.67 -9.53 -1.13
N THR A 80 23.40 -9.25 -1.44
CA THR A 80 22.57 -8.34 -0.65
C THR A 80 21.26 -9.03 -0.32
N LEU A 81 21.18 -9.54 0.91
CA LEU A 81 20.02 -10.27 1.41
C LEU A 81 19.31 -9.46 2.46
N PHE A 82 18.01 -9.33 2.29
CA PHE A 82 17.19 -8.56 3.23
C PHE A 82 15.74 -9.05 3.28
N VAL A 83 15.01 -8.59 4.29
CA VAL A 83 13.61 -8.96 4.48
C VAL A 83 12.72 -7.85 3.92
N GLN A 84 11.76 -8.22 3.08
CA GLN A 84 10.86 -7.25 2.46
C GLN A 84 10.36 -6.15 3.42
N SER A 85 9.69 -6.54 4.51
CA SER A 85 9.19 -5.55 5.48
C SER A 85 10.23 -4.62 6.12
N HIS A 86 11.52 -4.93 5.99
CA HIS A 86 12.54 -4.05 6.57
C HIS A 86 12.77 -2.78 5.75
N VAL A 87 12.31 -2.77 4.50
CA VAL A 87 12.41 -1.57 3.68
C VAL A 87 10.97 -1.28 3.25
N PRO A 88 10.23 -0.57 4.10
CA PRO A 88 8.84 -0.19 3.91
C PRO A 88 8.49 0.76 2.76
N GLU A 89 9.48 1.49 2.25
CA GLU A 89 9.28 2.43 1.15
C GLU A 89 8.51 1.81 -0.01
N HIS A 90 8.76 0.54 -0.32
CA HIS A 90 8.04 -0.02 -1.45
C HIS A 90 6.54 -0.04 -1.30
N THR A 91 6.01 -0.07 -0.07
CA THR A 91 4.56 -0.05 0.08
C THR A 91 4.02 1.28 -0.29
N GLU A 92 4.88 2.29 -0.31
CA GLU A 92 4.46 3.63 -0.66
C GLU A 92 4.43 3.75 -2.20
N LEU A 93 5.48 3.22 -2.82
CA LEU A 93 5.58 3.20 -4.27
C LEU A 93 4.40 2.36 -4.72
N SER A 94 4.03 1.42 -3.86
CA SER A 94 2.92 0.51 -4.14
C SER A 94 1.59 1.24 -4.35
N TRP A 95 1.36 2.29 -3.57
CA TRP A 95 0.13 3.04 -3.72
C TRP A 95 0.16 3.74 -5.07
N VAL A 96 1.30 4.36 -5.39
CA VAL A 96 1.43 5.08 -6.66
C VAL A 96 1.10 4.14 -7.80
N PHE A 97 1.74 2.98 -7.81
CA PHE A 97 1.52 1.97 -8.83
C PHE A 97 0.05 1.55 -8.90
N THR A 98 -0.55 1.28 -7.74
CA THR A 98 -1.95 0.91 -7.67
C THR A 98 -2.78 1.90 -8.50
N THR A 99 -2.53 3.20 -8.33
CA THR A 99 -3.32 4.20 -9.07
C THR A 99 -3.06 4.16 -10.58
N LEU A 100 -1.94 3.56 -10.98
CA LEU A 100 -1.61 3.50 -12.41
C LEU A 100 -1.86 2.12 -13.01
N THR A 101 -2.69 1.31 -12.36
CA THR A 101 -2.98 -0.05 -12.83
C THR A 101 -4.46 -0.30 -13.11
N PRO A 102 -4.80 -0.63 -14.37
CA PRO A 102 -6.21 -0.91 -14.74
C PRO A 102 -6.70 -2.12 -13.94
N LEU A 103 -7.86 -2.02 -13.34
CA LEU A 103 -8.42 -3.12 -12.55
C LEU A 103 -8.46 -4.44 -13.34
N GLY A 104 -8.95 -4.36 -14.58
CA GLY A 104 -9.07 -5.51 -15.46
C GLY A 104 -7.80 -6.33 -15.59
N ASP A 105 -6.66 -5.68 -15.75
CA ASP A 105 -5.40 -6.42 -15.85
C ASP A 105 -5.12 -7.25 -14.59
N LEU A 106 -5.59 -6.78 -13.43
CA LEU A 106 -5.36 -7.54 -12.20
C LEU A 106 -6.36 -8.67 -12.08
N THR A 107 -7.63 -8.38 -12.30
CA THR A 107 -8.64 -9.42 -12.20
C THR A 107 -8.36 -10.59 -13.16
N ARG A 108 -7.61 -10.34 -14.23
CA ARG A 108 -7.28 -11.40 -15.19
C ARG A 108 -5.96 -12.10 -14.97
N MET A 109 -5.22 -11.72 -13.93
CA MET A 109 -3.95 -12.39 -13.68
C MET A 109 -4.33 -13.82 -13.34
N THR A 110 -3.60 -14.76 -13.92
CA THR A 110 -3.85 -16.15 -13.72
C THR A 110 -3.95 -16.58 -12.27
N GLN A 111 -3.05 -16.11 -11.41
CA GLN A 111 -3.08 -16.55 -10.03
C GLN A 111 -4.34 -16.13 -9.33
N PHE A 112 -4.66 -14.84 -9.40
CA PHE A 112 -5.88 -14.35 -8.77
C PHE A 112 -7.12 -15.08 -9.28
N LYS A 113 -7.18 -15.27 -10.58
CA LYS A 113 -8.31 -15.91 -11.25
C LYS A 113 -8.58 -17.34 -10.79
N ASP A 114 -7.52 -18.13 -10.66
CA ASP A 114 -7.66 -19.52 -10.22
C ASP A 114 -8.14 -19.61 -8.77
N LYS A 115 -7.67 -18.72 -7.91
CA LYS A 115 -8.09 -18.76 -6.53
C LYS A 115 -9.51 -18.25 -6.44
N ALA A 116 -9.82 -17.24 -7.26
CA ALA A 116 -11.15 -16.66 -7.27
C ALA A 116 -12.19 -17.65 -7.79
N SER A 117 -11.74 -18.78 -8.33
CA SER A 117 -12.67 -19.76 -8.85
C SER A 117 -13.00 -20.84 -7.83
N LYS A 118 -12.66 -20.58 -6.58
CA LYS A 118 -12.93 -21.54 -5.51
C LYS A 118 -13.79 -20.83 -4.49
N GLN A 119 -14.59 -21.57 -3.72
CA GLN A 119 -15.44 -20.92 -2.70
C GLN A 119 -14.57 -20.51 -1.51
N GLU A 120 -13.50 -19.80 -1.82
CA GLU A 120 -12.61 -19.33 -0.79
C GLU A 120 -12.74 -17.82 -0.77
N THR A 121 -12.34 -17.20 0.33
CA THR A 121 -12.50 -15.77 0.39
C THR A 121 -11.56 -15.09 -0.59
N VAL A 122 -12.10 -14.20 -1.42
CA VAL A 122 -11.24 -13.53 -2.36
C VAL A 122 -10.79 -12.21 -1.73
N TRP A 123 -9.64 -12.27 -1.04
CA TRP A 123 -9.06 -11.11 -0.39
C TRP A 123 -8.45 -10.12 -1.40
N SER A 124 -8.53 -8.83 -1.08
CA SER A 124 -7.97 -7.81 -1.95
C SER A 124 -6.46 -8.03 -2.03
N GLY A 125 -5.93 -8.68 -0.99
CA GLY A 125 -4.52 -9.00 -0.95
C GLY A 125 -4.15 -9.89 -2.13
N LEU A 126 -4.97 -10.89 -2.42
CA LEU A 126 -4.70 -11.76 -3.58
C LEU A 126 -4.70 -10.90 -4.86
N LEU A 127 -5.74 -10.07 -5.02
CA LEU A 127 -5.83 -9.24 -6.22
C LEU A 127 -4.68 -8.24 -6.38
N MET A 128 -4.36 -7.52 -5.30
CA MET A 128 -3.32 -6.49 -5.30
C MET A 128 -1.86 -6.97 -5.14
N TYR A 129 -1.63 -8.24 -4.83
CA TYR A 129 -0.24 -8.68 -4.63
C TYR A 129 0.71 -8.39 -5.80
N PRO A 130 0.25 -8.61 -7.04
CA PRO A 130 1.19 -8.32 -8.13
C PRO A 130 1.68 -6.87 -8.16
N VAL A 131 0.84 -5.93 -7.73
CA VAL A 131 1.26 -4.52 -7.71
C VAL A 131 2.35 -4.34 -6.64
N LEU A 132 2.20 -5.04 -5.51
CA LEU A 132 3.21 -5.02 -4.44
C LEU A 132 4.53 -5.54 -5.00
N GLN A 133 4.49 -6.67 -5.72
CA GLN A 133 5.69 -7.24 -6.32
C GLN A 133 6.33 -6.26 -7.32
N ALA A 134 5.50 -5.57 -8.11
CA ALA A 134 6.02 -4.60 -9.06
C ALA A 134 6.80 -3.46 -8.37
N ALA A 135 6.32 -3.01 -7.22
CA ALA A 135 6.97 -1.92 -6.49
C ALA A 135 8.26 -2.42 -5.85
N ASP A 136 8.26 -3.68 -5.46
CA ASP A 136 9.44 -4.28 -4.85
C ASP A 136 10.52 -4.34 -5.93
N ILE A 137 10.15 -4.74 -7.14
CA ILE A 137 11.08 -4.83 -8.25
C ILE A 137 11.59 -3.46 -8.70
N LEU A 138 10.68 -2.51 -8.90
CA LEU A 138 11.11 -1.21 -9.36
C LEU A 138 11.71 -0.25 -8.32
N ILE A 139 11.36 -0.39 -7.05
CA ILE A 139 11.92 0.52 -6.03
C ILE A 139 13.45 0.40 -5.99
N TYR A 140 13.96 -0.78 -6.41
CA TYR A 140 15.38 -1.09 -6.41
C TYR A 140 15.96 -1.03 -7.82
N LYS A 141 15.13 -0.60 -8.77
CA LYS A 141 15.53 -0.50 -10.17
C LYS A 141 16.15 -1.79 -10.68
N ALA A 142 15.65 -2.92 -10.22
CA ALA A 142 16.18 -4.21 -10.70
C ALA A 142 15.74 -4.38 -12.14
N ASP A 143 16.61 -4.92 -13.00
CA ASP A 143 16.25 -5.11 -14.40
C ASP A 143 16.07 -6.59 -14.74
N THR A 144 16.35 -7.47 -13.79
CA THR A 144 16.19 -8.88 -14.05
C THR A 144 15.57 -9.56 -12.85
N VAL A 145 14.69 -10.51 -13.12
CA VAL A 145 14.04 -11.19 -12.05
C VAL A 145 13.91 -12.66 -12.35
N PRO A 146 14.57 -13.53 -11.58
CA PRO A 146 14.46 -14.97 -11.84
C PRO A 146 13.11 -15.48 -11.38
N VAL A 147 12.43 -16.21 -12.27
CA VAL A 147 11.10 -16.75 -11.96
C VAL A 147 10.82 -18.07 -12.71
N GLY A 148 9.87 -18.85 -12.19
CA GLY A 148 9.49 -20.11 -12.82
C GLY A 148 8.70 -19.76 -14.07
N GLU A 149 8.54 -20.70 -14.98
CA GLU A 149 7.81 -20.39 -16.21
C GLU A 149 6.36 -19.95 -16.01
N ASP A 150 5.73 -20.38 -14.92
CA ASP A 150 4.36 -19.99 -14.69
C ASP A 150 4.26 -18.75 -13.81
N GLN A 151 5.27 -17.89 -13.86
CA GLN A 151 5.23 -16.67 -13.04
C GLN A 151 5.75 -15.47 -13.77
N VAL A 152 5.69 -15.56 -15.09
CA VAL A 152 6.14 -14.51 -15.95
C VAL A 152 5.14 -13.35 -15.97
N GLN A 153 3.84 -13.65 -15.86
CA GLN A 153 2.79 -12.63 -15.88
C GLN A 153 3.05 -11.40 -15.01
N HIS A 154 3.54 -11.58 -13.79
CA HIS A 154 3.77 -10.42 -12.95
C HIS A 154 4.99 -9.62 -13.41
N ILE A 155 5.89 -10.23 -14.18
CA ILE A 155 6.99 -9.43 -14.67
C ILE A 155 6.44 -8.58 -15.82
N GLU A 156 5.50 -9.13 -16.59
CA GLU A 156 4.89 -8.35 -17.68
C GLU A 156 4.08 -7.17 -17.11
N LEU A 157 3.39 -7.38 -15.99
CA LEU A 157 2.63 -6.30 -15.38
C LEU A 157 3.59 -5.21 -14.98
N THR A 158 4.71 -5.60 -14.39
CA THR A 158 5.73 -4.66 -13.94
C THR A 158 6.26 -3.78 -15.08
N ARG A 159 6.52 -4.37 -16.25
CA ARG A 159 7.02 -3.58 -17.37
C ARG A 159 5.93 -2.62 -17.85
N GLU A 160 4.70 -3.11 -17.91
CA GLU A 160 3.60 -2.25 -18.32
C GLU A 160 3.53 -1.03 -17.41
N ILE A 161 3.67 -1.24 -16.10
CA ILE A 161 3.61 -0.17 -15.11
C ILE A 161 4.81 0.78 -15.27
N ALA A 162 5.96 0.22 -15.60
CA ALA A 162 7.14 1.05 -15.77
C ALA A 162 6.94 1.97 -16.97
N ARG A 163 6.47 1.39 -18.07
CA ARG A 163 6.23 2.19 -19.27
C ARG A 163 5.22 3.28 -18.99
N ARG A 164 4.13 2.93 -18.30
CA ARG A 164 3.09 3.91 -18.01
C ARG A 164 3.66 5.03 -17.16
N PHE A 165 4.49 4.68 -16.17
CA PHE A 165 5.09 5.66 -15.30
C PHE A 165 6.08 6.50 -16.07
N ASN A 166 6.99 5.87 -16.81
CA ASN A 166 7.99 6.62 -17.57
C ASN A 166 7.38 7.63 -18.56
N HIS A 167 6.30 7.24 -19.23
CA HIS A 167 5.65 8.13 -20.18
C HIS A 167 4.97 9.32 -19.50
N LEU A 168 4.29 9.07 -18.37
CA LEU A 168 3.57 10.11 -17.63
C LEU A 168 4.43 11.05 -16.78
N PHE A 169 5.56 10.59 -16.25
CA PHE A 169 6.33 11.47 -15.38
C PHE A 169 7.78 11.69 -15.73
N GLY A 170 8.27 11.07 -16.80
CA GLY A 170 9.68 11.23 -17.16
C GLY A 170 10.37 9.89 -16.93
N GLU A 171 11.33 9.52 -17.78
CA GLU A 171 12.00 8.23 -17.67
C GLU A 171 12.50 7.98 -16.26
N THR A 172 12.01 6.92 -15.63
CA THR A 172 12.40 6.66 -14.26
C THR A 172 12.80 5.22 -13.96
N PHE A 173 12.02 4.28 -14.50
CA PHE A 173 12.24 2.88 -14.23
C PHE A 173 12.62 2.00 -15.41
N PRO A 174 13.43 0.96 -15.16
CA PRO A 174 13.84 0.05 -16.24
C PRO A 174 12.66 -0.87 -16.38
N GLU A 175 12.57 -1.57 -17.50
CA GLU A 175 11.50 -2.55 -17.75
C GLU A 175 12.15 -3.88 -17.43
N PRO A 176 11.87 -4.44 -16.25
CA PRO A 176 12.50 -5.72 -15.93
C PRO A 176 12.19 -6.87 -16.85
N GLN A 177 13.17 -7.75 -17.00
CA GLN A 177 12.99 -8.93 -17.83
C GLN A 177 13.06 -10.17 -16.96
N ALA A 178 12.24 -11.16 -17.29
CA ALA A 178 12.19 -12.42 -16.57
C ALA A 178 13.42 -13.25 -16.94
N LEU A 179 13.98 -13.93 -15.95
CA LEU A 179 15.12 -14.81 -16.19
C LEU A 179 14.65 -16.21 -15.86
N LEU A 180 14.46 -17.03 -16.90
CA LEU A 180 14.02 -18.39 -16.70
C LEU A 180 15.23 -19.27 -16.39
N ASN A 181 14.97 -20.53 -16.09
CA ASN A 181 16.02 -21.47 -15.72
C ASN A 181 15.79 -22.85 -16.37
N PRO A 182 15.81 -22.90 -17.72
CA PRO A 182 15.60 -24.10 -18.52
C PRO A 182 16.59 -25.23 -18.26
N GLU A 183 17.85 -24.87 -18.00
CA GLU A 183 18.86 -25.87 -17.73
C GLU A 183 18.68 -26.62 -16.40
N ALA A 184 17.76 -26.15 -15.57
CA ALA A 184 17.50 -26.76 -14.28
C ALA A 184 16.65 -27.99 -14.39
N PRO A 185 16.92 -28.99 -13.54
CA PRO A 185 16.16 -30.24 -13.55
C PRO A 185 14.77 -30.08 -12.95
N ARG A 186 13.80 -30.80 -13.51
CA ARG A 186 12.46 -30.75 -12.95
C ARG A 186 12.43 -32.00 -12.07
N VAL A 187 12.72 -31.80 -10.78
CA VAL A 187 12.81 -32.85 -9.78
C VAL A 187 11.51 -33.53 -9.33
N PRO A 188 11.40 -34.85 -9.57
CA PRO A 188 10.23 -35.66 -9.20
C PRO A 188 10.10 -35.95 -7.70
N GLY A 189 8.85 -36.01 -7.22
CA GLY A 189 8.60 -36.28 -5.82
C GLY A 189 8.84 -37.71 -5.40
N ILE A 190 8.92 -37.95 -4.09
CA ILE A 190 9.18 -39.30 -3.58
C ILE A 190 8.13 -40.36 -3.91
N ASP A 191 6.90 -39.94 -4.18
CA ASP A 191 5.84 -40.87 -4.53
C ASP A 191 5.98 -41.13 -6.02
N GLY A 192 6.95 -40.45 -6.62
CA GLY A 192 7.21 -40.61 -8.03
C GLY A 192 6.14 -40.10 -8.95
N LYS A 193 5.28 -39.23 -8.45
CA LYS A 193 4.21 -38.69 -9.29
C LYS A 193 4.59 -37.32 -9.86
N ALA A 194 3.90 -36.26 -9.44
CA ALA A 194 4.20 -34.93 -9.96
C ALA A 194 5.50 -34.38 -9.40
N LYS A 195 6.05 -33.36 -10.05
CA LYS A 195 7.30 -32.73 -9.60
C LYS A 195 7.32 -32.50 -8.08
N MET A 196 8.52 -32.43 -7.52
CA MET A 196 8.67 -32.23 -6.08
C MET A 196 8.18 -30.84 -5.72
N SER A 197 7.23 -30.79 -4.79
CA SER A 197 6.64 -29.54 -4.33
C SER A 197 6.59 -29.54 -2.81
N LYS A 198 6.76 -28.38 -2.20
CA LYS A 198 6.72 -28.26 -0.74
C LYS A 198 5.33 -28.62 -0.25
N SER A 199 4.33 -28.29 -1.07
CA SER A 199 2.94 -28.55 -0.73
C SER A 199 2.52 -30.02 -0.81
N LEU A 200 2.93 -30.71 -1.86
CA LEU A 200 2.56 -32.13 -2.00
C LEU A 200 3.22 -33.03 -0.96
N GLY A 201 4.01 -32.43 -0.06
CA GLY A 201 4.68 -33.22 0.95
C GLY A 201 5.53 -34.37 0.42
N ASN A 202 5.84 -34.35 -0.87
CA ASN A 202 6.64 -35.39 -1.53
C ASN A 202 8.12 -34.94 -1.67
N THR A 203 8.71 -34.50 -0.57
CA THR A 203 10.06 -33.97 -0.64
C THR A 203 11.16 -34.62 0.18
N ILE A 204 12.38 -34.18 -0.11
CA ILE A 204 13.58 -34.59 0.57
C ILE A 204 14.21 -33.25 0.92
N GLY A 205 14.15 -32.87 2.19
CA GLY A 205 14.70 -31.60 2.62
C GLY A 205 16.21 -31.60 2.76
N LEU A 206 16.83 -30.44 2.56
CA LEU A 206 18.29 -30.34 2.66
C LEU A 206 18.72 -30.57 4.10
N LEU A 207 17.86 -30.23 5.05
CA LEU A 207 18.20 -30.38 6.46
C LEU A 207 17.39 -31.47 7.15
N GLU A 208 16.62 -32.20 6.37
CA GLU A 208 15.78 -33.29 6.88
C GLU A 208 16.64 -34.27 7.66
N PRO A 209 16.11 -34.85 8.75
CA PRO A 209 16.96 -35.80 9.48
C PRO A 209 17.42 -36.99 8.59
N GLU A 210 18.69 -37.34 8.72
CA GLU A 210 19.29 -38.43 7.96
C GLU A 210 18.44 -39.69 7.94
N GLU A 211 17.99 -40.10 9.12
CA GLU A 211 17.18 -41.31 9.24
C GLU A 211 15.89 -41.19 8.46
N SER A 212 15.45 -39.95 8.24
CA SER A 212 14.22 -39.73 7.52
C SER A 212 14.43 -39.73 6.01
N ILE A 213 15.55 -39.19 5.57
CA ILE A 213 15.83 -39.19 4.13
C ILE A 213 16.06 -40.64 3.71
N TRP A 214 16.64 -41.43 4.61
CA TRP A 214 16.92 -42.83 4.33
C TRP A 214 15.62 -43.57 4.04
N GLN A 215 14.69 -43.49 4.99
CA GLN A 215 13.42 -44.18 4.82
C GLN A 215 12.75 -43.84 3.51
N LYS A 216 12.86 -42.59 3.06
CA LYS A 216 12.25 -42.18 1.79
C LYS A 216 12.92 -42.83 0.58
N ILE A 217 14.24 -42.98 0.63
CA ILE A 217 14.96 -43.62 -0.48
C ILE A 217 14.57 -45.10 -0.46
N GLN A 218 14.51 -45.63 0.76
CA GLN A 218 14.16 -47.01 1.02
C GLN A 218 12.85 -47.36 0.36
N HIS A 219 11.92 -46.40 0.38
CA HIS A 219 10.58 -46.58 -0.19
C HIS A 219 10.35 -46.00 -1.57
N LEU A 220 11.39 -45.48 -2.21
CA LEU A 220 11.21 -44.93 -3.56
C LEU A 220 10.56 -46.03 -4.38
N PRO A 221 9.50 -45.69 -5.10
CA PRO A 221 8.77 -46.66 -5.94
C PRO A 221 9.64 -47.21 -7.07
N ASP A 222 9.14 -48.25 -7.73
CA ASP A 222 9.84 -48.90 -8.84
C ASP A 222 8.91 -49.90 -9.52
N ASP A 223 8.45 -49.59 -10.73
CA ASP A 223 7.54 -50.48 -11.45
C ASP A 223 8.21 -51.76 -11.96
N PRO A 224 7.42 -52.85 -12.11
CA PRO A 224 7.94 -54.14 -12.60
C PRO A 224 8.13 -54.17 -14.11
N THR A 238 13.16 -45.34 -13.22
CA THR A 238 12.74 -45.14 -11.83
C THR A 238 13.28 -43.83 -11.25
N ILE A 239 12.50 -43.16 -10.40
CA ILE A 239 12.97 -41.91 -9.83
C ILE A 239 14.28 -42.22 -9.12
N LEU A 240 14.47 -43.49 -8.79
CA LEU A 240 15.68 -43.95 -8.12
C LEU A 240 16.94 -43.61 -8.91
N PHE A 241 16.91 -43.81 -10.23
CA PHE A 241 18.07 -43.49 -11.05
C PHE A 241 18.08 -42.05 -11.50
N THR A 242 16.97 -41.34 -11.28
CA THR A 242 16.88 -39.93 -11.63
C THR A 242 17.65 -39.18 -10.54
N TYR A 243 17.31 -39.45 -9.29
CA TYR A 243 17.98 -38.85 -8.16
C TYR A 243 19.45 -39.22 -8.25
N LEU A 244 19.73 -40.50 -8.49
CA LEU A 244 21.11 -40.96 -8.59
C LEU A 244 21.90 -40.08 -9.56
N SER A 245 21.26 -39.69 -10.65
CA SER A 245 21.88 -38.86 -11.68
C SER A 245 22.26 -37.48 -11.15
N TYR A 246 21.40 -36.94 -10.30
CA TYR A 246 21.60 -35.63 -9.70
C TYR A 246 22.82 -35.58 -8.79
N PHE A 247 23.11 -36.67 -8.09
CA PHE A 247 24.20 -36.70 -7.11
C PHE A 247 25.41 -37.61 -7.22
N ALA A 248 25.55 -38.33 -8.33
CA ALA A 248 26.69 -39.23 -8.47
C ALA A 248 27.23 -39.08 -9.88
N PRO A 249 28.56 -39.23 -10.05
CA PRO A 249 29.23 -39.11 -11.35
C PRO A 249 28.64 -39.96 -12.47
N LYS A 250 28.72 -39.45 -13.70
CA LYS A 250 28.21 -40.17 -14.88
C LYS A 250 28.72 -41.61 -14.91
N ASP A 251 30.03 -41.76 -14.99
CA ASP A 251 30.66 -43.06 -15.04
C ASP A 251 30.00 -44.07 -14.13
N LEU A 252 29.94 -43.76 -12.84
CA LEU A 252 29.31 -44.66 -11.88
C LEU A 252 27.83 -44.89 -12.19
N VAL A 253 27.12 -43.84 -12.59
CA VAL A 253 25.70 -43.95 -12.89
C VAL A 253 25.43 -44.79 -14.14
N GLU A 254 26.23 -44.58 -15.19
CA GLU A 254 26.06 -45.30 -16.45
C GLU A 254 26.25 -46.82 -16.26
N ALA A 255 27.29 -47.18 -15.50
CA ALA A 255 27.62 -48.58 -15.24
C ALA A 255 26.58 -49.27 -14.39
N LEU A 256 26.07 -48.54 -13.39
CA LEU A 256 25.05 -49.09 -12.51
C LEU A 256 23.78 -49.36 -13.30
N LYS A 257 23.50 -48.49 -14.27
CA LYS A 257 22.30 -48.66 -15.10
C LYS A 257 22.41 -49.91 -15.98
N GLU A 258 23.49 -50.01 -16.74
CA GLU A 258 23.69 -51.16 -17.59
C GLU A 258 23.42 -52.42 -16.74
N GLU A 259 24.06 -52.46 -15.56
CA GLU A 259 23.93 -53.57 -14.63
C GLU A 259 22.52 -53.74 -14.07
N TYR A 260 21.80 -52.65 -13.88
CA TYR A 260 20.43 -52.73 -13.35
C TYR A 260 19.56 -53.42 -14.39
N ARG A 261 19.89 -53.20 -15.66
CA ARG A 261 19.17 -53.78 -16.79
C ARG A 261 19.43 -55.28 -16.93
N LYS A 262 20.60 -55.73 -16.46
CA LYS A 262 20.99 -57.13 -16.53
C LYS A 262 20.67 -57.90 -15.26
N ALA A 263 19.89 -57.30 -14.36
CA ALA A 263 19.56 -57.95 -13.11
C ALA A 263 20.84 -58.39 -12.37
N GLY A 264 21.89 -57.57 -12.47
CA GLY A 264 23.15 -57.87 -11.81
C GLY A 264 23.14 -57.23 -10.43
N VAL A 265 23.07 -55.90 -10.42
CA VAL A 265 23.00 -55.14 -9.18
C VAL A 265 21.54 -54.90 -8.89
N GLY A 266 21.15 -55.09 -7.64
CA GLY A 266 19.76 -54.91 -7.24
C GLY A 266 19.41 -53.58 -6.59
N THR A 267 18.12 -53.33 -6.49
CA THR A 267 17.59 -52.12 -5.89
C THR A 267 18.30 -51.66 -4.62
N TYR A 268 18.43 -52.54 -3.64
CA TYR A 268 19.06 -52.16 -2.39
C TYR A 268 20.43 -51.51 -2.52
N VAL A 269 21.27 -52.08 -3.36
CA VAL A 269 22.61 -51.56 -3.55
C VAL A 269 22.56 -50.16 -4.11
N VAL A 270 21.66 -49.94 -5.05
CA VAL A 270 21.53 -48.63 -5.68
C VAL A 270 21.06 -47.58 -4.67
N LYS A 271 20.11 -47.96 -3.83
CA LYS A 271 19.59 -47.04 -2.83
C LYS A 271 20.65 -46.52 -1.87
N ARG A 272 21.58 -47.39 -1.48
CA ARG A 272 22.66 -47.01 -0.58
C ARG A 272 23.68 -46.16 -1.33
N ILE A 273 23.89 -46.44 -2.62
CA ILE A 273 24.85 -45.62 -3.38
C ILE A 273 24.22 -44.23 -3.50
N LEU A 274 22.90 -44.20 -3.73
CA LEU A 274 22.17 -42.94 -3.84
C LEU A 274 22.25 -42.16 -2.52
N PHE A 275 21.91 -42.83 -1.43
CA PHE A 275 21.95 -42.23 -0.12
C PHE A 275 23.31 -41.65 0.21
N ASP A 276 24.35 -42.47 0.19
CA ASP A 276 25.70 -41.98 0.50
C ASP A 276 26.07 -40.74 -0.32
N HIS A 277 25.77 -40.79 -1.62
CA HIS A 277 26.08 -39.67 -2.50
C HIS A 277 25.19 -38.47 -2.19
N LEU A 278 23.95 -38.74 -1.80
CA LEU A 278 23.05 -37.67 -1.47
C LEU A 278 23.53 -36.95 -0.22
N MET A 279 23.82 -37.69 0.84
CA MET A 279 24.29 -37.13 2.12
C MET A 279 25.62 -36.41 1.98
N GLU A 280 26.43 -36.84 1.03
CA GLU A 280 27.71 -36.19 0.83
C GLU A 280 27.51 -34.85 0.15
N ALA A 281 26.44 -34.73 -0.64
CA ALA A 281 26.16 -33.49 -1.36
C ALA A 281 25.64 -32.42 -0.40
N LEU A 282 24.79 -32.82 0.53
CA LEU A 282 24.21 -31.91 1.51
C LEU A 282 25.17 -31.60 2.67
N ARG A 283 26.10 -32.51 2.93
CA ARG A 283 27.07 -32.35 4.01
C ARG A 283 27.46 -30.89 4.25
N PRO A 284 28.05 -30.20 3.27
CA PRO A 284 28.45 -28.79 3.43
C PRO A 284 27.28 -27.85 3.77
N ILE A 285 26.10 -28.13 3.24
CA ILE A 285 24.96 -27.28 3.52
C ILE A 285 24.57 -27.44 4.98
N ARG A 286 24.56 -28.69 5.44
CA ARG A 286 24.20 -29.02 6.81
C ARG A 286 25.19 -28.50 7.83
N GLU A 287 26.48 -28.63 7.52
CA GLU A 287 27.50 -28.12 8.42
C GLU A 287 27.29 -26.61 8.54
N ARG A 288 27.05 -25.91 7.41
CA ARG A 288 26.81 -24.46 7.48
C ARG A 288 25.56 -24.18 8.33
N ALA A 289 24.47 -24.89 8.05
CA ALA A 289 23.25 -24.68 8.83
C ALA A 289 23.52 -24.80 10.33
N GLU A 290 24.31 -25.79 10.71
CA GLU A 290 24.65 -26.00 12.13
C GLU A 290 25.48 -24.83 12.69
N ALA A 291 26.39 -24.31 11.89
CA ALA A 291 27.21 -23.19 12.32
C ALA A 291 26.33 -21.93 12.43
N LEU A 292 25.43 -21.73 11.48
CA LEU A 292 24.58 -20.55 11.56
C LEU A 292 23.62 -20.70 12.72
N LYS A 293 23.11 -21.91 12.94
CA LYS A 293 22.19 -22.14 14.04
C LYS A 293 22.86 -21.77 15.39
N LYS A 294 24.17 -22.04 15.54
CA LYS A 294 24.87 -21.68 16.78
C LYS A 294 25.18 -20.18 16.87
N ASP A 295 25.22 -19.51 15.72
CA ASP A 295 25.57 -18.08 15.63
C ASP A 295 24.50 -17.31 14.86
N PRO A 296 23.28 -17.20 15.40
CA PRO A 296 22.24 -16.47 14.67
C PRO A 296 22.53 -14.95 14.50
N ASP A 297 23.54 -14.42 15.21
CA ASP A 297 23.86 -12.99 15.05
C ASP A 297 24.37 -12.76 13.63
N TYR A 298 25.07 -13.75 13.08
CA TYR A 298 25.59 -13.64 11.73
C TYR A 298 24.43 -13.45 10.73
N VAL A 299 23.35 -14.19 10.92
CA VAL A 299 22.22 -14.10 10.02
C VAL A 299 21.52 -12.77 10.18
N MET A 300 21.24 -12.38 11.41
CA MET A 300 20.57 -11.12 11.66
C MET A 300 21.39 -9.91 11.19
N ASP A 301 22.71 -10.01 11.28
CA ASP A 301 23.61 -8.93 10.88
C ASP A 301 23.68 -8.85 9.35
N ALA A 302 23.64 -10.01 8.68
CA ALA A 302 23.63 -10.03 7.23
C ALA A 302 22.32 -9.37 6.76
N LEU A 303 21.22 -9.65 7.46
CA LEU A 303 19.93 -9.07 7.13
C LEU A 303 19.93 -7.55 7.36
N LEU A 304 20.51 -7.13 8.47
CA LEU A 304 20.58 -5.73 8.84
C LEU A 304 21.37 -4.94 7.83
N GLU A 305 22.49 -5.50 7.41
CA GLU A 305 23.38 -4.88 6.44
C GLU A 305 22.78 -4.94 5.02
N GLY A 306 22.09 -6.03 4.71
CA GLY A 306 21.49 -6.14 3.41
C GLY A 306 20.43 -5.05 3.28
N ALA A 307 19.74 -4.80 4.38
CA ALA A 307 18.70 -3.80 4.41
C ALA A 307 19.23 -2.37 4.26
N LYS A 308 20.35 -2.05 4.91
CA LYS A 308 20.92 -0.70 4.84
C LYS A 308 21.18 -0.37 3.39
N ARG A 309 21.86 -1.31 2.75
CA ARG A 309 22.24 -1.23 1.34
C ARG A 309 21.04 -1.10 0.38
N ALA A 310 19.99 -1.91 0.58
CA ALA A 310 18.83 -1.85 -0.28
C ALA A 310 18.05 -0.55 -0.03
N ARG A 311 17.95 -0.16 1.23
CA ARG A 311 17.24 1.06 1.62
C ARG A 311 17.90 2.35 1.10
N ALA A 312 19.22 2.33 0.94
CA ALA A 312 19.92 3.50 0.42
C ALA A 312 19.37 3.73 -0.99
N VAL A 313 19.24 2.64 -1.75
CA VAL A 313 18.67 2.72 -3.10
C VAL A 313 17.18 3.10 -3.06
N ALA A 314 16.39 2.41 -2.22
CA ALA A 314 14.95 2.66 -2.14
C ALA A 314 14.56 4.11 -1.81
N GLN A 315 15.25 4.71 -0.85
CA GLN A 315 14.95 6.10 -0.49
C GLN A 315 15.30 7.03 -1.61
N ALA A 316 16.38 6.72 -2.34
CA ALA A 316 16.74 7.55 -3.47
C ALA A 316 15.60 7.44 -4.49
N THR A 317 15.19 6.21 -4.79
CA THR A 317 14.12 6.01 -5.75
C THR A 317 12.84 6.69 -5.34
N MET A 318 12.48 6.53 -4.07
CA MET A 318 11.25 7.12 -3.57
C MET A 318 11.28 8.67 -3.58
N GLU A 319 12.46 9.27 -3.45
CA GLU A 319 12.52 10.72 -3.50
C GLU A 319 12.29 11.11 -4.94
N GLU A 320 12.93 10.39 -5.84
CA GLU A 320 12.76 10.66 -7.26
C GLU A 320 11.26 10.59 -7.63
N VAL A 321 10.56 9.55 -7.20
CA VAL A 321 9.13 9.39 -7.49
C VAL A 321 8.25 10.49 -6.87
N ARG A 322 8.44 10.77 -5.58
CA ARG A 322 7.62 11.78 -4.93
C ARG A 322 7.69 13.13 -5.68
N GLU A 323 8.86 13.47 -6.16
CA GLU A 323 9.07 14.73 -6.87
C GLU A 323 8.42 14.76 -8.27
N LYS A 324 8.57 13.65 -9.01
CA LYS A 324 8.02 13.55 -10.36
C LYS A 324 6.50 13.43 -10.39
N VAL A 325 5.94 12.86 -9.34
CA VAL A 325 4.51 12.69 -9.19
C VAL A 325 3.92 14.06 -8.80
N GLY A 326 4.81 14.99 -8.43
CA GLY A 326 4.37 16.33 -8.06
C GLY A 326 3.90 16.59 -6.65
N LEU A 327 4.34 15.79 -5.68
CA LEU A 327 3.91 15.96 -4.30
C LEU A 327 4.57 17.18 -3.68
N LEU A 328 3.90 17.77 -2.69
CA LEU A 328 4.47 18.91 -1.96
C LEU A 328 5.45 18.23 -1.03
N LEU A 329 6.74 18.46 -1.23
CA LEU A 329 7.75 17.82 -0.42
C LEU A 329 7.96 18.58 0.89
N PRO A 330 8.15 17.84 1.99
CA PRO A 330 8.37 18.33 3.36
C PRO A 330 9.56 19.25 3.46
N ARG A 331 9.45 20.44 2.85
CA ARG A 331 10.57 21.37 2.86
C ARG A 331 10.31 22.71 2.14
N MET B 1 -15.44 11.66 22.17
CA MET B 1 -14.24 11.58 21.28
C MET B 1 -12.95 11.92 22.03
N LYS B 2 -11.88 11.17 21.71
CA LYS B 2 -10.56 11.38 22.32
C LYS B 2 -9.57 11.85 21.24
N ARG B 3 -9.60 11.22 20.06
CA ARG B 3 -8.75 11.62 18.93
C ARG B 3 -9.59 11.65 17.67
N VAL B 4 -9.60 12.78 16.98
CA VAL B 4 -10.39 12.94 15.76
C VAL B 4 -9.52 13.10 14.54
N LEU B 5 -9.91 12.47 13.44
CA LEU B 5 -9.18 12.61 12.18
C LEU B 5 -10.12 13.15 11.10
N SER B 6 -9.82 14.34 10.59
CA SER B 6 -10.62 14.97 9.56
C SER B 6 -9.81 15.08 8.28
N GLY B 7 -10.36 14.61 7.16
CA GLY B 7 -9.67 14.70 5.89
C GLY B 7 -9.99 16.01 5.19
N ILE B 8 -8.98 16.61 4.55
CA ILE B 8 -9.11 17.86 3.83
C ILE B 8 -8.64 17.62 2.39
N GLN B 9 -9.53 17.76 1.41
CA GLN B 9 -9.12 17.55 0.01
C GLN B 9 -7.98 18.53 -0.34
N PRO B 10 -7.11 18.13 -1.28
CA PRO B 10 -5.98 18.96 -1.71
C PRO B 10 -6.37 20.06 -2.68
N SER B 11 -7.07 21.06 -2.16
CA SER B 11 -7.53 22.17 -2.98
C SER B 11 -7.60 23.50 -2.26
N GLY B 12 -7.35 24.57 -3.02
CA GLY B 12 -7.41 25.94 -2.49
C GLY B 12 -8.79 26.56 -2.70
N GLU B 13 -9.62 25.92 -3.52
CA GLU B 13 -10.98 26.39 -3.78
C GLU B 13 -11.87 26.02 -2.61
N ILE B 14 -12.27 27.02 -1.82
CA ILE B 14 -13.15 26.80 -0.66
C ILE B 14 -14.30 27.81 -0.67
N HIS B 15 -15.52 27.29 -0.59
CA HIS B 15 -16.73 28.12 -0.62
C HIS B 15 -17.50 28.18 0.70
N ILE B 16 -18.47 29.07 0.77
CA ILE B 16 -19.29 29.28 1.97
C ILE B 16 -20.02 28.04 2.46
N GLY B 17 -20.20 27.07 1.58
CA GLY B 17 -20.85 25.84 1.98
C GLY B 17 -19.93 25.08 2.91
N ASN B 18 -18.65 24.99 2.53
CA ASN B 18 -17.63 24.31 3.34
C ASN B 18 -17.52 25.07 4.67
N TYR B 19 -17.18 26.36 4.55
CA TYR B 19 -16.99 27.19 5.71
C TYR B 19 -18.16 27.14 6.69
N LEU B 20 -19.38 27.21 6.18
CA LEU B 20 -20.55 27.20 7.04
C LEU B 20 -20.90 25.85 7.64
N GLY B 21 -20.57 24.79 6.91
CA GLY B 21 -20.86 23.46 7.38
C GLY B 21 -19.72 22.84 8.16
N ALA B 22 -18.88 22.10 7.43
CA ALA B 22 -17.74 21.40 7.99
C ALA B 22 -16.69 22.23 8.73
N ILE B 23 -16.23 23.32 8.12
CA ILE B 23 -15.20 24.10 8.76
C ILE B 23 -15.48 24.58 10.19
N LYS B 24 -16.72 24.98 10.45
CA LYS B 24 -17.06 25.45 11.80
C LYS B 24 -17.08 24.31 12.78
N GLN B 25 -17.40 23.11 12.29
CA GLN B 25 -17.40 21.94 13.15
C GLN B 25 -15.93 21.62 13.46
N TRP B 26 -15.08 21.65 12.42
CA TRP B 26 -13.64 21.40 12.60
C TRP B 26 -13.07 22.34 13.65
N VAL B 27 -13.40 23.63 13.57
CA VAL B 27 -12.89 24.60 14.55
C VAL B 27 -13.38 24.24 15.94
N ALA B 28 -14.64 23.83 16.03
CA ALA B 28 -15.17 23.44 17.32
C ALA B 28 -14.38 22.22 17.80
N ILE B 29 -14.08 21.28 16.90
CA ILE B 29 -13.30 20.10 17.28
C ILE B 29 -11.94 20.53 17.82
N GLY B 30 -11.34 21.54 17.20
CA GLY B 30 -10.05 22.01 17.65
C GLY B 30 -10.11 22.68 19.01
N GLU B 31 -11.30 23.14 19.40
CA GLU B 31 -11.47 23.79 20.69
C GLU B 31 -11.63 22.77 21.80
N LYS B 32 -12.31 21.64 21.53
CA LYS B 32 -12.50 20.58 22.52
C LYS B 32 -11.20 19.81 22.63
N LEU B 33 -10.81 19.17 21.54
CA LEU B 33 -9.56 18.41 21.53
C LEU B 33 -8.54 19.43 21.12
N GLY B 34 -7.28 19.20 21.45
CA GLY B 34 -6.29 20.20 21.07
C GLY B 34 -5.46 19.64 19.94
N ARG B 35 -4.23 19.29 20.27
CA ARG B 35 -3.32 18.70 19.30
C ARG B 35 -3.94 17.37 18.84
N ASP B 36 -4.97 16.92 19.54
CA ASP B 36 -5.62 15.66 19.16
C ASP B 36 -6.73 15.84 18.15
N ALA B 37 -6.77 17.01 17.53
CA ALA B 37 -7.72 17.26 16.47
C ALA B 37 -6.80 17.14 15.28
N PHE B 38 -6.83 15.98 14.64
CA PHE B 38 -5.97 15.71 13.48
C PHE B 38 -6.61 16.08 12.16
N PHE B 39 -5.95 16.95 11.42
CA PHE B 39 -6.41 17.37 10.11
C PHE B 39 -5.34 16.99 9.11
N CYS B 40 -5.74 16.15 8.16
CA CYS B 40 -4.86 15.62 7.13
C CYS B 40 -5.30 15.95 5.68
N ILE B 41 -4.43 16.69 4.99
CA ILE B 41 -4.67 17.08 3.61
C ILE B 41 -4.30 15.85 2.80
N VAL B 42 -5.29 15.18 2.23
CA VAL B 42 -5.08 13.93 1.49
C VAL B 42 -4.59 14.08 0.06
N ASP B 43 -3.35 14.53 -0.08
CA ASP B 43 -2.79 14.72 -1.40
C ASP B 43 -2.72 13.40 -2.22
N TYR B 44 -2.60 12.25 -1.55
CA TYR B 44 -2.51 10.98 -2.28
C TYR B 44 -3.83 10.60 -2.96
N HIS B 45 -4.91 11.27 -2.58
CA HIS B 45 -6.23 11.06 -3.19
C HIS B 45 -6.21 11.65 -4.61
N ALA B 46 -5.39 12.68 -4.84
CA ALA B 46 -5.34 13.31 -6.15
C ALA B 46 -5.01 12.31 -7.25
N LEU B 47 -4.14 11.34 -6.93
CA LEU B 47 -3.70 10.35 -7.91
C LEU B 47 -4.72 9.31 -8.41
N THR B 48 -5.83 9.12 -7.71
CA THR B 48 -6.80 8.12 -8.16
C THR B 48 -7.28 8.30 -9.60
N ASN B 49 -7.12 9.52 -10.15
CA ASN B 49 -7.46 9.80 -11.55
C ASN B 49 -6.12 10.11 -12.24
N PRO B 50 -5.36 9.05 -12.57
CA PRO B 50 -4.04 9.01 -13.20
C PRO B 50 -3.81 10.00 -14.33
N LEU B 51 -4.75 10.08 -15.27
CA LEU B 51 -4.58 10.96 -16.40
C LEU B 51 -5.13 12.39 -16.22
N ALA B 52 -6.26 12.53 -15.53
CA ALA B 52 -6.88 13.84 -15.33
C ALA B 52 -6.25 14.78 -14.30
N TYR B 53 -5.62 14.23 -13.26
CA TYR B 53 -5.00 15.08 -12.24
C TYR B 53 -3.77 15.74 -12.89
N ASP B 54 -3.18 16.75 -12.25
CA ASP B 54 -2.05 17.44 -12.87
C ASP B 54 -0.82 17.54 -11.96
N PRO B 55 0.18 16.68 -12.20
CA PRO B 55 1.42 16.63 -11.41
C PRO B 55 2.12 17.98 -11.26
N SER B 56 2.00 18.82 -12.28
CA SER B 56 2.66 20.12 -12.25
C SER B 56 2.06 21.12 -11.27
N THR B 57 0.87 20.85 -10.76
CA THR B 57 0.23 21.78 -9.81
C THR B 57 -0.15 21.17 -8.46
N LEU B 58 -0.06 19.84 -8.34
CA LEU B 58 -0.44 19.19 -7.10
C LEU B 58 0.21 19.83 -5.86
N ALA B 59 1.47 20.18 -5.98
CA ALA B 59 2.17 20.81 -4.87
C ALA B 59 1.49 22.12 -4.48
N GLN B 60 1.28 23.02 -5.45
CA GLN B 60 0.62 24.28 -5.09
C GLN B 60 -0.79 24.07 -4.59
N ARG B 61 -1.50 23.07 -5.12
CA ARG B 61 -2.85 22.80 -4.68
C ARG B 61 -2.83 22.31 -3.24
N THR B 62 -1.82 21.50 -2.91
CA THR B 62 -1.72 20.99 -1.55
C THR B 62 -1.36 22.10 -0.58
N PHE B 63 -0.43 22.96 -0.98
CA PHE B 63 -0.01 24.08 -0.15
C PHE B 63 -1.19 25.04 0.01
N GLU B 64 -1.83 25.39 -1.10
CA GLU B 64 -2.97 26.30 -1.04
C GLU B 64 -4.06 25.79 -0.10
N ALA B 65 -4.29 24.48 -0.08
CA ALA B 65 -5.30 23.91 0.81
C ALA B 65 -4.93 24.18 2.27
N ALA B 66 -3.64 24.18 2.57
CA ALA B 66 -3.22 24.43 3.93
C ALA B 66 -3.42 25.91 4.28
N LEU B 67 -2.98 26.79 3.38
CA LEU B 67 -3.11 28.23 3.60
C LEU B 67 -4.59 28.61 3.85
N VAL B 68 -5.44 28.35 2.88
CA VAL B 68 -6.85 28.72 3.01
C VAL B 68 -7.59 28.13 4.22
N ASN B 69 -7.41 26.85 4.53
CA ASN B 69 -8.13 26.31 5.67
C ASN B 69 -7.57 26.92 6.96
N ILE B 70 -6.31 27.31 6.94
CA ILE B 70 -5.73 27.94 8.11
C ILE B 70 -6.40 29.32 8.23
N ALA B 71 -6.44 30.05 7.13
CA ALA B 71 -7.06 31.36 7.12
C ALA B 71 -8.51 31.23 7.58
N ALA B 72 -9.15 30.15 7.18
CA ALA B 72 -10.55 29.95 7.55
C ALA B 72 -10.76 29.58 8.99
N GLY B 73 -9.70 29.31 9.74
CA GLY B 73 -9.91 28.97 11.14
C GLY B 73 -9.08 27.87 11.76
N LEU B 74 -8.54 26.96 10.95
CA LEU B 74 -7.71 25.91 11.51
C LEU B 74 -6.45 26.59 12.00
N ASP B 75 -6.26 26.58 13.30
CA ASP B 75 -5.13 27.23 13.96
C ASP B 75 -3.99 26.25 14.26
N PRO B 76 -2.94 26.29 13.45
CA PRO B 76 -1.74 25.44 13.58
C PRO B 76 -1.14 25.43 15.00
N GLU B 77 -1.32 26.52 15.74
CA GLU B 77 -0.78 26.61 17.11
C GLU B 77 -1.69 25.89 18.11
N LYS B 78 -2.85 25.44 17.64
CA LYS B 78 -3.80 24.77 18.51
C LYS B 78 -4.14 23.34 18.06
N VAL B 79 -4.10 23.09 16.74
CA VAL B 79 -4.41 21.77 16.23
C VAL B 79 -3.24 21.06 15.57
N THR B 80 -3.54 19.96 14.90
CA THR B 80 -2.53 19.16 14.20
C THR B 80 -2.86 19.07 12.71
N LEU B 81 -2.20 19.91 11.92
CA LEU B 81 -2.43 19.92 10.49
C LEU B 81 -1.20 19.37 9.80
N PHE B 82 -1.41 18.45 8.85
CA PHE B 82 -0.29 17.86 8.11
C PHE B 82 -0.76 17.33 6.77
N VAL B 83 0.20 17.07 5.89
CA VAL B 83 -0.07 16.57 4.57
C VAL B 83 0.03 15.05 4.57
N GLN B 84 -0.97 14.40 4.00
CA GLN B 84 -1.01 12.94 3.96
C GLN B 84 0.32 12.23 3.60
N SER B 85 0.93 12.59 2.48
CA SER B 85 2.20 11.96 2.05
C SER B 85 3.41 12.28 2.89
N HIS B 86 3.29 13.18 3.87
CA HIS B 86 4.44 13.50 4.70
C HIS B 86 4.65 12.47 5.81
N VAL B 87 3.67 11.58 5.99
CA VAL B 87 3.74 10.49 6.96
C VAL B 87 3.51 9.20 6.17
N PRO B 88 4.57 8.63 5.59
CA PRO B 88 4.53 7.42 4.78
C PRO B 88 4.08 6.13 5.47
N GLU B 89 4.25 6.06 6.78
CA GLU B 89 3.86 4.87 7.50
C GLU B 89 2.45 4.38 7.13
N HIS B 90 1.53 5.28 6.83
CA HIS B 90 0.22 4.74 6.59
C HIS B 90 0.03 3.97 5.30
N THR B 91 0.92 4.09 4.33
CA THR B 91 0.74 3.30 3.12
C THR B 91 1.17 1.88 3.44
N GLU B 92 2.05 1.74 4.42
CA GLU B 92 2.52 0.43 4.83
C GLU B 92 1.36 -0.24 5.55
N LEU B 93 0.66 0.51 6.40
CA LEU B 93 -0.47 -0.05 7.14
C LEU B 93 -1.56 -0.37 6.12
N SER B 94 -1.58 0.40 5.04
CA SER B 94 -2.55 0.21 3.97
C SER B 94 -2.42 -1.18 3.33
N TRP B 95 -1.19 -1.65 3.14
CA TRP B 95 -0.99 -2.97 2.55
C TRP B 95 -1.55 -4.00 3.50
N VAL B 96 -1.28 -3.83 4.79
CA VAL B 96 -1.80 -4.80 5.78
C VAL B 96 -3.32 -4.90 5.75
N PHE B 97 -4.00 -3.76 5.70
CA PHE B 97 -5.47 -3.76 5.65
C PHE B 97 -6.00 -4.33 4.32
N THR B 98 -5.23 -4.15 3.25
CA THR B 98 -5.66 -4.67 1.95
C THR B 98 -5.78 -6.20 2.08
N THR B 99 -4.82 -6.82 2.76
CA THR B 99 -4.89 -8.27 2.94
C THR B 99 -6.11 -8.69 3.76
N LEU B 100 -6.62 -7.78 4.60
CA LEU B 100 -7.76 -8.11 5.45
C LEU B 100 -9.12 -7.67 4.91
N THR B 101 -9.19 -7.24 3.66
CA THR B 101 -10.42 -6.74 3.08
C THR B 101 -11.00 -7.59 1.95
N PRO B 102 -12.21 -8.14 2.14
CA PRO B 102 -12.79 -8.96 1.06
C PRO B 102 -13.07 -8.10 -0.18
N LEU B 103 -12.63 -8.55 -1.36
CA LEU B 103 -12.85 -7.78 -2.59
C LEU B 103 -14.30 -7.26 -2.72
N GLY B 104 -15.28 -8.12 -2.46
CA GLY B 104 -16.66 -7.70 -2.53
C GLY B 104 -17.02 -6.47 -1.70
N ASP B 105 -16.33 -6.22 -0.59
CA ASP B 105 -16.62 -5.05 0.22
C ASP B 105 -16.22 -3.76 -0.50
N LEU B 106 -15.26 -3.87 -1.40
CA LEU B 106 -14.78 -2.71 -2.14
C LEU B 106 -15.58 -2.49 -3.41
N THR B 107 -15.93 -3.56 -4.13
CA THR B 107 -16.69 -3.43 -5.39
C THR B 107 -18.14 -2.96 -5.25
N ARG B 108 -18.70 -3.13 -4.06
CA ARG B 108 -20.07 -2.73 -3.80
C ARG B 108 -20.16 -1.29 -3.29
N MET B 109 -19.04 -0.73 -2.84
CA MET B 109 -19.04 0.66 -2.35
C MET B 109 -19.79 1.50 -3.37
N THR B 110 -20.68 2.36 -2.91
CA THR B 110 -21.42 3.19 -3.85
C THR B 110 -20.51 4.10 -4.67
N GLN B 111 -19.49 4.70 -4.05
CA GLN B 111 -18.63 5.61 -4.82
C GLN B 111 -17.86 4.94 -5.93
N PHE B 112 -17.54 3.66 -5.78
CA PHE B 112 -16.82 2.92 -6.81
C PHE B 112 -17.75 2.59 -7.97
N LYS B 113 -18.91 2.02 -7.69
CA LYS B 113 -19.88 1.68 -8.75
C LYS B 113 -20.14 2.90 -9.64
N ASP B 114 -20.53 3.99 -9.01
CA ASP B 114 -20.82 5.22 -9.71
C ASP B 114 -19.67 5.78 -10.54
N LYS B 115 -18.46 5.81 -10.00
CA LYS B 115 -17.33 6.34 -10.76
C LYS B 115 -16.81 5.37 -11.82
N ALA B 116 -16.76 4.09 -11.48
CA ALA B 116 -16.31 3.05 -12.42
C ALA B 116 -17.47 2.74 -13.34
N SER B 117 -18.21 3.77 -13.69
CA SER B 117 -19.37 3.63 -14.55
C SER B 117 -19.21 4.73 -15.58
N LYS B 118 -18.66 5.86 -15.12
CA LYS B 118 -18.42 7.02 -15.95
C LYS B 118 -16.94 6.98 -16.38
N GLN B 119 -16.40 5.78 -16.61
CA GLN B 119 -14.99 5.66 -17.01
C GLN B 119 -14.72 4.54 -18.01
N GLU B 120 -13.90 4.83 -19.01
CA GLU B 120 -13.55 3.85 -20.03
C GLU B 120 -12.39 2.96 -19.57
N THR B 121 -11.84 3.29 -18.40
CA THR B 121 -10.79 2.49 -17.80
C THR B 121 -10.92 2.58 -16.31
N VAL B 122 -11.15 1.44 -15.67
CA VAL B 122 -11.29 1.44 -14.24
C VAL B 122 -9.91 1.29 -13.59
N TRP B 123 -9.37 2.39 -13.08
CA TRP B 123 -8.07 2.32 -12.43
C TRP B 123 -8.26 1.79 -11.02
N SER B 124 -7.33 0.94 -10.58
CA SER B 124 -7.38 0.31 -9.26
C SER B 124 -7.43 1.25 -8.08
N GLY B 125 -6.91 2.45 -8.26
CA GLY B 125 -6.92 3.46 -7.21
C GLY B 125 -8.35 3.79 -6.84
N LEU B 126 -9.24 3.71 -7.82
CA LEU B 126 -10.64 3.99 -7.57
C LEU B 126 -11.20 2.93 -6.62
N LEU B 127 -10.85 1.67 -6.84
CA LEU B 127 -11.35 0.59 -5.99
C LEU B 127 -10.76 0.59 -4.58
N MET B 128 -9.42 0.69 -4.51
CA MET B 128 -8.68 0.65 -3.27
C MET B 128 -8.59 1.91 -2.40
N TYR B 129 -9.01 3.08 -2.90
CA TYR B 129 -8.88 4.27 -2.08
C TYR B 129 -9.44 4.10 -0.66
N PRO B 130 -10.65 3.53 -0.54
CA PRO B 130 -11.23 3.35 0.80
C PRO B 130 -10.32 2.60 1.80
N VAL B 131 -9.47 1.72 1.29
CA VAL B 131 -8.58 0.99 2.16
C VAL B 131 -7.50 1.96 2.66
N LEU B 132 -7.05 2.85 1.77
CA LEU B 132 -6.03 3.83 2.14
C LEU B 132 -6.59 4.79 3.19
N GLN B 133 -7.89 5.09 3.07
CA GLN B 133 -8.55 5.96 4.03
C GLN B 133 -8.65 5.25 5.40
N ALA B 134 -9.00 3.96 5.39
CA ALA B 134 -9.12 3.23 6.65
C ALA B 134 -7.77 3.27 7.34
N ALA B 135 -6.70 3.16 6.56
CA ALA B 135 -5.35 3.18 7.11
C ALA B 135 -5.01 4.54 7.70
N ASP B 136 -5.41 5.60 7.01
CA ASP B 136 -5.17 6.95 7.48
C ASP B 136 -5.86 7.12 8.82
N ILE B 137 -7.09 6.64 8.92
CA ILE B 137 -7.84 6.76 10.16
C ILE B 137 -7.27 5.90 11.29
N LEU B 138 -7.08 4.61 11.03
CA LEU B 138 -6.60 3.76 12.09
C LEU B 138 -5.11 3.92 12.49
N ILE B 139 -4.26 4.46 11.61
CA ILE B 139 -2.87 4.60 12.01
C ILE B 139 -2.72 5.65 13.10
N TYR B 140 -3.70 6.54 13.20
CA TYR B 140 -3.67 7.58 14.23
C TYR B 140 -4.60 7.17 15.39
N LYS B 141 -5.09 5.94 15.32
CA LYS B 141 -5.98 5.41 16.33
C LYS B 141 -7.15 6.35 16.57
N ALA B 142 -7.61 7.00 15.51
CA ALA B 142 -8.72 7.95 15.63
C ALA B 142 -10.03 7.21 15.94
N ASP B 143 -10.85 7.78 16.82
CA ASP B 143 -12.11 7.16 17.19
C ASP B 143 -13.30 7.90 16.63
N THR B 144 -13.06 9.09 16.08
CA THR B 144 -14.14 9.88 15.51
C THR B 144 -13.67 10.54 14.23
N VAL B 145 -14.52 10.53 13.21
CA VAL B 145 -14.15 11.12 11.93
C VAL B 145 -15.33 11.90 11.37
N PRO B 146 -15.17 13.23 11.22
CA PRO B 146 -16.30 13.99 10.66
C PRO B 146 -16.40 13.75 9.16
N VAL B 147 -17.61 13.39 8.72
CA VAL B 147 -17.87 13.12 7.33
C VAL B 147 -19.24 13.63 6.96
N GLY B 148 -19.47 13.74 5.65
CA GLY B 148 -20.74 14.20 5.17
C GLY B 148 -21.67 13.02 5.07
N GLU B 149 -22.97 13.30 4.93
CA GLU B 149 -23.99 12.26 4.82
C GLU B 149 -23.60 11.18 3.79
N ASP B 150 -22.95 11.61 2.70
CA ASP B 150 -22.55 10.71 1.63
C ASP B 150 -21.13 10.12 1.62
N GLN B 151 -20.44 10.12 2.76
CA GLN B 151 -19.08 9.58 2.84
C GLN B 151 -18.97 8.72 4.09
N VAL B 152 -20.09 8.19 4.57
CA VAL B 152 -20.09 7.38 5.77
C VAL B 152 -19.77 5.91 5.51
N GLN B 153 -19.84 5.52 4.26
CA GLN B 153 -19.58 4.14 3.91
C GLN B 153 -18.13 3.71 4.18
N HIS B 154 -17.15 4.60 4.00
CA HIS B 154 -15.79 4.18 4.28
C HIS B 154 -15.56 4.05 5.78
N ILE B 155 -16.38 4.70 6.59
CA ILE B 155 -16.17 4.53 8.03
C ILE B 155 -16.70 3.16 8.43
N GLU B 156 -17.73 2.68 7.77
CA GLU B 156 -18.26 1.33 8.08
C GLU B 156 -17.14 0.29 7.76
N LEU B 157 -16.47 0.48 6.63
CA LEU B 157 -15.39 -0.40 6.21
C LEU B 157 -14.28 -0.33 7.25
N THR B 158 -13.90 0.89 7.61
CA THR B 158 -12.87 1.09 8.59
C THR B 158 -13.18 0.30 9.87
N ARG B 159 -14.46 0.27 10.27
CA ARG B 159 -14.89 -0.45 11.46
C ARG B 159 -14.73 -1.96 11.25
N GLU B 160 -15.11 -2.45 10.07
CA GLU B 160 -14.99 -3.86 9.76
C GLU B 160 -13.55 -4.33 9.80
N ILE B 161 -12.64 -3.51 9.27
CA ILE B 161 -11.22 -3.89 9.27
C ILE B 161 -10.68 -3.91 10.69
N ALA B 162 -11.08 -2.90 11.47
CA ALA B 162 -10.66 -2.84 12.87
C ALA B 162 -11.11 -4.15 13.55
N ARG B 163 -12.38 -4.53 13.37
CA ARG B 163 -12.84 -5.75 14.02
C ARG B 163 -12.07 -6.99 13.57
N ARG B 164 -11.96 -7.17 12.25
CA ARG B 164 -11.25 -8.31 11.67
C ARG B 164 -9.80 -8.38 12.19
N PHE B 165 -9.13 -7.23 12.25
CA PHE B 165 -7.74 -7.14 12.73
C PHE B 165 -7.62 -7.51 14.21
N ASN B 166 -8.41 -6.85 15.04
CA ASN B 166 -8.42 -7.10 16.47
C ASN B 166 -8.63 -8.59 16.70
N HIS B 167 -9.58 -9.15 15.98
CA HIS B 167 -9.90 -10.57 16.11
C HIS B 167 -8.74 -11.49 15.74
N LEU B 168 -8.07 -11.22 14.62
CA LEU B 168 -6.97 -12.05 14.16
C LEU B 168 -5.67 -11.84 14.89
N PHE B 169 -5.40 -10.60 15.29
CA PHE B 169 -4.13 -10.29 15.92
C PHE B 169 -4.16 -9.74 17.33
N GLY B 170 -5.36 -9.52 17.88
CA GLY B 170 -5.48 -8.95 19.21
C GLY B 170 -5.92 -7.48 19.19
N GLU B 171 -6.65 -7.08 20.24
CA GLU B 171 -7.15 -5.70 20.38
C GLU B 171 -6.06 -4.68 20.12
N THR B 172 -6.26 -3.86 19.08
CA THR B 172 -5.29 -2.86 18.67
C THR B 172 -5.95 -1.53 18.33
N PHE B 173 -7.00 -1.61 17.50
CA PHE B 173 -7.71 -0.44 17.02
C PHE B 173 -9.16 -0.26 17.52
N PRO B 174 -9.61 1.00 17.63
CA PRO B 174 -10.97 1.33 18.06
C PRO B 174 -11.84 1.23 16.81
N GLU B 175 -13.16 1.23 16.98
CA GLU B 175 -14.06 1.19 15.84
C GLU B 175 -14.49 2.64 15.71
N PRO B 176 -13.93 3.34 14.72
CA PRO B 176 -14.26 4.75 14.49
C PRO B 176 -15.73 4.95 14.23
N GLN B 177 -16.24 6.08 14.72
CA GLN B 177 -17.62 6.45 14.53
C GLN B 177 -17.65 7.70 13.65
N ALA B 178 -18.62 7.77 12.76
CA ALA B 178 -18.75 8.93 11.90
C ALA B 178 -19.38 10.08 12.69
N LEU B 179 -18.84 11.29 12.53
CA LEU B 179 -19.42 12.48 13.20
C LEU B 179 -20.10 13.28 12.09
N LEU B 180 -21.41 13.45 12.20
CA LEU B 180 -22.18 14.22 11.22
C LEU B 180 -22.47 15.66 11.69
N ASN B 181 -22.93 16.51 10.79
CA ASN B 181 -23.19 17.90 11.14
C ASN B 181 -24.63 18.31 10.82
N PRO B 182 -25.61 17.70 11.52
CA PRO B 182 -27.04 17.98 11.32
C PRO B 182 -27.44 19.43 11.58
N GLU B 183 -26.77 20.05 12.55
CA GLU B 183 -27.05 21.43 12.91
C GLU B 183 -26.64 22.41 11.78
N ALA B 184 -25.58 22.08 11.05
CA ALA B 184 -25.13 22.96 9.98
C ALA B 184 -26.14 23.05 8.84
N PRO B 185 -26.14 24.18 8.12
CA PRO B 185 -27.06 24.40 7.00
C PRO B 185 -26.63 23.69 5.73
N ARG B 186 -27.60 23.40 4.88
CA ARG B 186 -27.35 22.74 3.61
C ARG B 186 -27.36 23.90 2.63
N VAL B 187 -26.19 24.45 2.37
CA VAL B 187 -26.10 25.61 1.49
C VAL B 187 -26.39 25.33 0.02
N PRO B 188 -27.44 25.96 -0.53
CA PRO B 188 -27.89 25.86 -1.92
C PRO B 188 -26.93 26.67 -2.78
N GLY B 189 -26.70 26.22 -4.00
CA GLY B 189 -25.79 26.93 -4.88
C GLY B 189 -26.31 28.26 -5.34
N ILE B 190 -25.50 29.00 -6.08
CA ILE B 190 -25.90 30.30 -6.59
C ILE B 190 -27.05 30.20 -7.61
N ASP B 191 -27.60 28.99 -7.76
CA ASP B 191 -28.72 28.74 -8.66
C ASP B 191 -29.51 27.62 -8.02
N GLY B 192 -30.76 27.89 -7.63
CA GLY B 192 -31.58 26.87 -6.97
C GLY B 192 -31.53 25.44 -7.49
N LYS B 193 -30.82 25.21 -8.59
CA LYS B 193 -30.72 23.89 -9.19
C LYS B 193 -30.19 22.78 -8.28
N ALA B 194 -29.37 23.14 -7.28
CA ALA B 194 -28.82 22.11 -6.40
C ALA B 194 -28.19 22.65 -5.11
N LYS B 195 -27.13 21.98 -4.70
CA LYS B 195 -26.39 22.35 -3.50
C LYS B 195 -25.06 22.90 -3.99
N MET B 196 -24.39 23.66 -3.13
CA MET B 196 -23.12 24.24 -3.52
C MET B 196 -22.04 23.16 -3.46
N SER B 197 -21.13 23.18 -4.43
CA SER B 197 -20.03 22.22 -4.51
C SER B 197 -19.10 22.57 -5.66
N LYS B 198 -17.79 22.36 -5.46
CA LYS B 198 -16.82 22.65 -6.50
C LYS B 198 -17.18 22.07 -7.86
N SER B 199 -17.59 20.80 -7.88
CA SER B 199 -17.95 20.12 -9.14
C SER B 199 -18.86 20.94 -10.05
N LEU B 200 -19.87 21.57 -9.46
CA LEU B 200 -20.83 22.39 -10.20
C LEU B 200 -20.32 23.83 -10.22
N GLY B 201 -21.02 24.73 -10.90
CA GLY B 201 -20.59 26.13 -10.91
C GLY B 201 -20.90 26.70 -9.54
N ASN B 202 -22.12 26.39 -9.10
CA ASN B 202 -22.73 26.71 -7.81
C ASN B 202 -22.06 27.45 -6.66
N THR B 203 -20.81 27.88 -6.76
CA THR B 203 -20.22 28.46 -5.56
C THR B 203 -19.80 29.91 -5.46
N ILE B 204 -19.58 30.30 -4.21
CA ILE B 204 -19.11 31.62 -3.81
C ILE B 204 -17.88 31.25 -3.00
N GLY B 205 -16.71 31.63 -3.50
CA GLY B 205 -15.48 31.31 -2.79
C GLY B 205 -15.12 32.33 -1.73
N LEU B 206 -14.63 31.85 -0.59
CA LEU B 206 -14.23 32.73 0.50
C LEU B 206 -13.25 33.80 0.04
N LEU B 207 -12.47 33.48 -0.99
CA LEU B 207 -11.46 34.41 -1.47
C LEU B 207 -11.70 34.90 -2.88
N GLU B 208 -12.92 34.71 -3.36
CA GLU B 208 -13.32 35.11 -4.70
C GLU B 208 -13.19 36.62 -4.81
N PRO B 209 -13.01 37.14 -6.03
CA PRO B 209 -12.90 38.60 -6.13
C PRO B 209 -14.25 39.23 -5.74
N GLU B 210 -14.21 40.44 -5.19
CA GLU B 210 -15.44 41.12 -4.78
C GLU B 210 -16.44 41.34 -5.89
N GLU B 211 -15.93 41.69 -7.08
CA GLU B 211 -16.80 41.90 -8.23
C GLU B 211 -17.52 40.59 -8.54
N SER B 212 -16.78 39.50 -8.50
CA SER B 212 -17.36 38.19 -8.82
C SER B 212 -18.45 37.81 -7.83
N ILE B 213 -18.19 38.03 -6.53
CA ILE B 213 -19.21 37.71 -5.54
C ILE B 213 -20.43 38.59 -5.81
N TRP B 214 -20.19 39.85 -6.15
CA TRP B 214 -21.31 40.75 -6.42
C TRP B 214 -22.17 40.28 -7.61
N GLN B 215 -21.53 39.96 -8.73
CA GLN B 215 -22.26 39.48 -9.90
C GLN B 215 -23.14 38.28 -9.54
N LYS B 216 -22.56 37.32 -8.82
CA LYS B 216 -23.32 36.13 -8.41
C LYS B 216 -24.53 36.49 -7.55
N ILE B 217 -24.38 37.48 -6.67
CA ILE B 217 -25.48 37.87 -5.80
C ILE B 217 -26.64 38.43 -6.61
N GLN B 218 -26.34 39.29 -7.58
CA GLN B 218 -27.38 39.87 -8.42
C GLN B 218 -28.08 38.83 -9.28
N HIS B 219 -27.30 38.01 -9.96
CA HIS B 219 -27.87 37.01 -10.85
C HIS B 219 -28.54 35.84 -10.14
N LEU B 220 -28.91 36.04 -8.87
CA LEU B 220 -29.59 34.98 -8.12
C LEU B 220 -31.01 34.86 -8.66
N PRO B 221 -31.60 33.66 -8.55
CA PRO B 221 -32.97 33.40 -9.02
C PRO B 221 -34.03 33.64 -7.93
N ASP B 222 -35.30 33.64 -8.32
CA ASP B 222 -36.40 33.87 -7.37
C ASP B 222 -37.15 32.58 -7.02
N ASP B 223 -38.21 32.71 -6.22
CA ASP B 223 -38.99 31.55 -5.80
C ASP B 223 -40.26 31.38 -6.62
N THR B 238 -36.96 31.03 -1.35
CA THR B 238 -36.20 32.16 -1.89
C THR B 238 -34.72 32.09 -1.43
N ILE B 239 -33.80 31.95 -2.39
CA ILE B 239 -32.38 31.81 -2.07
C ILE B 239 -31.75 33.03 -1.42
N LEU B 240 -32.08 34.19 -1.96
CA LEU B 240 -31.57 35.45 -1.46
C LEU B 240 -31.69 35.57 0.06
N PHE B 241 -32.81 35.13 0.59
CA PHE B 241 -33.06 35.20 2.03
C PHE B 241 -32.38 34.10 2.83
N THR B 242 -32.11 32.98 2.16
CA THR B 242 -31.45 31.86 2.82
C THR B 242 -30.02 32.34 3.10
N TYR B 243 -29.39 32.94 2.10
CA TYR B 243 -28.03 33.44 2.24
C TYR B 243 -27.96 34.56 3.26
N LEU B 244 -29.00 35.39 3.31
CA LEU B 244 -29.02 36.52 4.22
C LEU B 244 -29.12 36.04 5.67
N SER B 245 -29.87 34.96 5.89
CA SER B 245 -30.05 34.42 7.25
C SER B 245 -28.76 33.81 7.80
N TYR B 246 -27.82 33.50 6.92
CA TYR B 246 -26.52 32.93 7.32
C TYR B 246 -25.57 34.02 7.78
N PHE B 247 -25.69 35.21 7.19
CA PHE B 247 -24.77 36.31 7.47
C PHE B 247 -25.25 37.58 8.15
N ALA B 248 -26.50 37.64 8.58
CA ALA B 248 -26.97 38.84 9.25
C ALA B 248 -27.85 38.50 10.46
N PRO B 249 -27.90 39.41 11.44
CA PRO B 249 -28.72 39.16 12.64
C PRO B 249 -30.17 38.84 12.30
N LYS B 250 -30.77 37.97 13.11
CA LYS B 250 -32.14 37.55 12.89
C LYS B 250 -33.13 38.73 12.88
N ASP B 251 -32.88 39.73 13.71
CA ASP B 251 -33.77 40.89 13.76
C ASP B 251 -33.84 41.60 12.43
N LEU B 252 -32.68 41.93 11.88
CA LEU B 252 -32.66 42.62 10.61
C LEU B 252 -33.23 41.74 9.51
N VAL B 253 -33.02 40.43 9.61
CA VAL B 253 -33.51 39.51 8.61
C VAL B 253 -35.03 39.35 8.60
N GLU B 254 -35.66 39.14 9.76
CA GLU B 254 -37.10 38.99 9.74
C GLU B 254 -37.81 40.30 9.37
N ALA B 255 -37.23 41.43 9.76
CA ALA B 255 -37.81 42.74 9.43
C ALA B 255 -37.71 43.02 7.93
N LEU B 256 -36.75 42.39 7.26
CA LEU B 256 -36.62 42.61 5.82
C LEU B 256 -37.62 41.74 5.07
N LYS B 257 -37.78 40.49 5.49
CA LYS B 257 -38.71 39.61 4.80
C LYS B 257 -40.17 40.02 4.98
N GLU B 258 -40.51 40.66 6.10
CA GLU B 258 -41.89 41.13 6.30
C GLU B 258 -42.21 42.22 5.28
N GLU B 259 -41.25 43.13 5.10
CA GLU B 259 -41.40 44.23 4.16
C GLU B 259 -41.26 43.80 2.71
N TYR B 260 -40.58 42.68 2.47
CA TYR B 260 -40.34 42.21 1.11
C TYR B 260 -41.59 42.18 0.25
N ARG B 261 -42.73 41.94 0.87
CA ARG B 261 -43.99 41.92 0.13
C ARG B 261 -44.61 43.32 0.16
N LYS B 262 -44.04 44.24 -0.61
CA LYS B 262 -44.50 45.63 -0.70
C LYS B 262 -43.40 46.60 -1.14
N ALA B 263 -43.80 47.86 -1.33
CA ALA B 263 -42.90 48.92 -1.81
C ALA B 263 -41.93 49.50 -0.79
N GLY B 264 -41.73 48.81 0.33
CA GLY B 264 -40.81 49.30 1.35
C GLY B 264 -39.40 48.81 1.04
N VAL B 265 -39.30 47.52 0.76
CA VAL B 265 -38.01 46.92 0.43
C VAL B 265 -38.09 46.06 -0.82
N GLY B 266 -37.19 46.34 -1.76
CA GLY B 266 -37.16 45.59 -3.00
C GLY B 266 -35.82 45.00 -3.38
N THR B 267 -35.82 43.68 -3.57
CA THR B 267 -34.66 42.90 -3.97
C THR B 267 -33.30 43.60 -4.02
N TYR B 268 -33.12 44.52 -4.97
CA TYR B 268 -31.83 45.20 -5.11
C TYR B 268 -31.30 45.66 -3.76
N VAL B 269 -32.19 46.17 -2.92
CA VAL B 269 -31.73 46.65 -1.64
C VAL B 269 -31.38 45.49 -0.68
N VAL B 270 -32.15 44.40 -0.68
CA VAL B 270 -31.78 43.31 0.21
C VAL B 270 -30.49 42.66 -0.28
N LYS B 271 -30.23 42.74 -1.59
CA LYS B 271 -29.02 42.19 -2.19
C LYS B 271 -27.77 42.89 -1.69
N ARG B 272 -27.86 44.21 -1.53
CA ARG B 272 -26.75 45.00 -1.01
C ARG B 272 -26.49 44.64 0.44
N ILE B 273 -27.57 44.56 1.22
CA ILE B 273 -27.44 44.24 2.61
C ILE B 273 -26.72 42.90 2.74
N LEU B 274 -26.98 41.99 1.80
CA LEU B 274 -26.34 40.66 1.80
C LEU B 274 -24.85 40.75 1.47
N PHE B 275 -24.54 41.41 0.36
CA PHE B 275 -23.15 41.56 -0.04
C PHE B 275 -22.31 42.14 1.08
N ASP B 276 -22.78 43.21 1.71
CA ASP B 276 -22.08 43.85 2.82
C ASP B 276 -21.87 42.91 3.99
N HIS B 277 -22.94 42.23 4.41
CA HIS B 277 -22.82 41.31 5.54
C HIS B 277 -21.94 40.10 5.26
N LEU B 278 -21.97 39.63 4.01
CA LEU B 278 -21.18 38.48 3.59
C LEU B 278 -19.69 38.83 3.58
N MET B 279 -19.35 39.95 2.97
CA MET B 279 -17.96 40.38 2.90
C MET B 279 -17.35 40.69 4.26
N GLU B 280 -18.18 41.10 5.22
CA GLU B 280 -17.70 41.41 6.56
C GLU B 280 -17.40 40.11 7.28
N ALA B 281 -18.21 39.11 7.01
CA ALA B 281 -18.00 37.80 7.63
C ALA B 281 -16.71 37.20 7.09
N LEU B 282 -16.43 37.46 5.82
CA LEU B 282 -15.25 36.91 5.16
C LEU B 282 -14.01 37.77 5.32
N ARG B 283 -14.16 38.97 5.83
CA ARG B 283 -13.01 39.86 5.98
C ARG B 283 -11.92 39.28 6.90
N PRO B 284 -12.30 38.69 8.05
CA PRO B 284 -11.26 38.14 8.93
C PRO B 284 -10.47 37.07 8.16
N ILE B 285 -11.20 36.28 7.39
CA ILE B 285 -10.62 35.21 6.58
C ILE B 285 -9.71 35.72 5.47
N ARG B 286 -10.21 36.66 4.69
CA ARG B 286 -9.43 37.22 3.60
C ARG B 286 -8.16 37.90 4.07
N GLU B 287 -8.23 38.57 5.21
CA GLU B 287 -7.06 39.26 5.76
C GLU B 287 -5.95 38.28 6.17
N ARG B 288 -6.31 37.17 6.81
CA ARG B 288 -5.32 36.15 7.18
C ARG B 288 -4.73 35.57 5.91
N ALA B 289 -5.58 35.35 4.92
CA ALA B 289 -5.15 34.78 3.64
C ALA B 289 -3.98 35.57 3.09
N GLU B 290 -4.13 36.90 3.06
CA GLU B 290 -3.08 37.79 2.56
C GLU B 290 -1.87 37.83 3.48
N ALA B 291 -2.10 37.72 4.78
CA ALA B 291 -1.01 37.71 5.73
C ALA B 291 -0.22 36.42 5.49
N LEU B 292 -0.92 35.29 5.37
CA LEU B 292 -0.26 34.01 5.11
C LEU B 292 0.42 34.01 3.74
N LYS B 293 -0.13 34.73 2.77
CA LYS B 293 0.51 34.76 1.45
C LYS B 293 1.79 35.59 1.51
N LYS B 294 1.90 36.48 2.50
CA LYS B 294 3.09 37.29 2.63
C LYS B 294 4.20 36.55 3.38
N ASP B 295 3.80 35.59 4.21
CA ASP B 295 4.76 34.80 4.98
C ASP B 295 4.56 33.30 4.71
N PRO B 296 4.89 32.84 3.48
CA PRO B 296 4.73 31.43 3.13
C PRO B 296 5.36 30.45 4.12
N ASP B 297 6.50 30.84 4.70
CA ASP B 297 7.18 29.96 5.64
C ASP B 297 6.36 29.58 6.88
N TYR B 298 5.41 30.43 7.27
CA TYR B 298 4.56 30.09 8.40
C TYR B 298 3.81 28.80 8.08
N VAL B 299 3.19 28.75 6.89
CA VAL B 299 2.45 27.57 6.49
C VAL B 299 3.32 26.32 6.41
N MET B 300 4.48 26.43 5.77
CA MET B 300 5.41 25.29 5.65
C MET B 300 5.85 24.76 7.01
N ASP B 301 6.02 25.67 7.98
CA ASP B 301 6.45 25.30 9.32
C ASP B 301 5.34 24.62 10.12
N ALA B 302 4.10 25.00 9.87
CA ALA B 302 2.97 24.39 10.56
C ALA B 302 2.82 22.93 10.09
N LEU B 303 2.96 22.71 8.78
CA LEU B 303 2.87 21.37 8.19
C LEU B 303 4.05 20.52 8.66
N LEU B 304 5.19 21.16 8.88
CA LEU B 304 6.36 20.46 9.36
C LEU B 304 6.11 20.00 10.81
N GLU B 305 5.70 20.93 11.66
CA GLU B 305 5.45 20.57 13.05
C GLU B 305 4.32 19.55 13.14
N GLY B 306 3.28 19.74 12.32
CA GLY B 306 2.17 18.81 12.33
C GLY B 306 2.60 17.40 11.89
N ALA B 307 3.54 17.32 10.96
CA ALA B 307 3.99 16.02 10.51
C ALA B 307 4.79 15.33 11.62
N LYS B 308 5.63 16.08 12.31
CA LYS B 308 6.41 15.53 13.41
C LYS B 308 5.49 14.82 14.40
N ARG B 309 4.47 15.54 14.84
CA ARG B 309 3.50 15.02 15.80
C ARG B 309 2.74 13.80 15.28
N ALA B 310 2.23 13.86 14.06
CA ALA B 310 1.50 12.73 13.54
C ALA B 310 2.44 11.54 13.32
N ARG B 311 3.62 11.83 12.79
CA ARG B 311 4.59 10.77 12.53
C ARG B 311 5.01 10.01 13.80
N ALA B 312 5.11 10.71 14.92
CA ALA B 312 5.48 10.05 16.17
C ALA B 312 4.40 9.07 16.57
N VAL B 313 3.15 9.44 16.29
CA VAL B 313 2.01 8.58 16.62
C VAL B 313 1.92 7.39 15.66
N ALA B 314 2.08 7.68 14.38
CA ALA B 314 2.02 6.67 13.32
C ALA B 314 3.09 5.59 13.50
N GLN B 315 4.31 5.97 13.89
CA GLN B 315 5.36 4.99 14.06
C GLN B 315 5.09 4.07 15.24
N ALA B 316 4.56 4.64 16.31
CA ALA B 316 4.24 3.83 17.47
C ALA B 316 3.22 2.78 16.99
N THR B 317 2.18 3.24 16.28
CA THR B 317 1.13 2.34 15.77
C THR B 317 1.72 1.30 14.85
N MET B 318 2.51 1.75 13.89
CA MET B 318 3.10 0.83 12.96
C MET B 318 4.00 -0.21 13.63
N GLU B 319 4.73 0.19 14.67
CA GLU B 319 5.60 -0.76 15.33
C GLU B 319 4.78 -1.79 16.09
N GLU B 320 3.63 -1.36 16.63
CA GLU B 320 2.75 -2.29 17.32
C GLU B 320 2.15 -3.27 16.29
N VAL B 321 1.73 -2.76 15.12
CA VAL B 321 1.16 -3.64 14.09
C VAL B 321 2.18 -4.66 13.56
N ARG B 322 3.40 -4.22 13.27
CA ARG B 322 4.40 -5.15 12.76
C ARG B 322 4.59 -6.31 13.72
N GLU B 323 4.66 -6.00 15.01
CA GLU B 323 4.85 -7.05 16.03
C GLU B 323 3.68 -8.03 16.08
N LYS B 324 2.46 -7.50 16.11
CA LYS B 324 1.28 -8.35 16.20
C LYS B 324 1.01 -9.22 14.99
N VAL B 325 1.29 -8.73 13.77
CA VAL B 325 1.05 -9.59 12.62
C VAL B 325 2.23 -10.53 12.45
N GLY B 326 3.21 -10.42 13.36
CA GLY B 326 4.33 -11.33 13.38
C GLY B 326 5.58 -11.19 12.55
N LEU B 327 5.79 -10.00 11.97
CA LEU B 327 6.97 -9.78 11.15
C LEU B 327 8.24 -9.85 12.02
N LEU B 328 9.32 -10.31 11.40
CA LEU B 328 10.64 -10.38 12.03
C LEU B 328 11.17 -8.96 12.24
N LEU B 329 11.46 -8.60 13.49
CA LEU B 329 11.98 -7.26 13.75
C LEU B 329 13.51 -7.29 13.71
N PRO B 330 14.11 -6.25 13.13
CA PRO B 330 15.56 -6.17 13.03
C PRO B 330 16.21 -5.84 14.38
P PO4 C . -1.83 -8.18 -18.44
O1 PO4 C . -2.78 -9.22 -17.93
O2 PO4 C . -2.10 -6.89 -17.76
O3 PO4 C . -0.43 -8.61 -18.15
O4 PO4 C . -2.02 -8.02 -19.91
#